data_5UA5
#
_entry.id   5UA5
#
_cell.length_a   94.126
_cell.length_b   94.126
_cell.length_c   40.834
_cell.angle_alpha   90.00
_cell.angle_beta   90.00
_cell.angle_gamma   120.00
#
_symmetry.space_group_name_H-M   'P 61'
#
loop_
_entity.id
_entity.type
_entity.pdbx_description
1 polymer 5-HL
2 polymer 'Uncharacterized protein'
3 water water
#
loop_
_entity_poly.entity_id
_entity_poly.type
_entity_poly.pdbx_seq_one_letter_code
_entity_poly.pdbx_strand_id
1 'polypeptide(L)'
;GPLGSMEGEELIYHNIINEILVGYIKYYINDISEHELSPYQQQIKKILTYYDECLNKQVTITFSLTSVQEIKTQFTGVVT
ELFKDLINWGRICGFIVFSAKMAKYCKDANNHLESTVITTAYNFMKHNLLPWMISHGGQEEFLAFSLHSDMYS
;
A
2 'polypeptide(L)' VPQDASTKKLSECLKRIGDELDSNMELQ B
#
# COMPACT_ATOMS: atom_id res chain seq x y z
N GLU A 7 18.44 -8.24 -12.11
CA GLU A 7 19.41 -7.74 -13.07
C GLU A 7 18.72 -7.22 -14.33
N GLY A 8 17.63 -7.88 -14.72
CA GLY A 8 16.91 -7.52 -15.92
C GLY A 8 15.50 -7.04 -15.63
N GLU A 9 14.51 -7.82 -16.05
CA GLU A 9 13.13 -7.47 -15.72
C GLU A 9 12.89 -7.50 -14.22
N GLU A 10 13.62 -8.35 -13.49
CA GLU A 10 13.51 -8.35 -12.04
C GLU A 10 13.97 -7.03 -11.45
N LEU A 11 15.00 -6.42 -12.05
CA LEU A 11 15.48 -5.13 -11.56
C LEU A 11 14.43 -4.05 -11.78
N ILE A 12 13.77 -4.05 -12.94
CA ILE A 12 12.69 -3.11 -13.18
C ILE A 12 11.59 -3.30 -12.14
N TYR A 13 11.08 -4.52 -12.02
CA TYR A 13 10.02 -4.80 -11.05
C TYR A 13 10.44 -4.40 -9.64
N HIS A 14 11.68 -4.70 -9.27
CA HIS A 14 12.15 -4.36 -7.93
C HIS A 14 12.16 -2.85 -7.72
N ASN A 15 12.60 -2.09 -8.73
CA ASN A 15 12.65 -0.64 -8.60
C ASN A 15 11.25 -0.06 -8.46
N ILE A 16 10.29 -0.55 -9.25
CA ILE A 16 8.94 -0.02 -9.20
C ILE A 16 8.34 -0.23 -7.81
N ILE A 17 8.37 -1.47 -7.32
CA ILE A 17 7.77 -1.76 -6.02
C ILE A 17 8.45 -0.97 -4.92
N ASN A 18 9.78 -0.88 -4.97
CA ASN A 18 10.51 -0.10 -3.96
C ASN A 18 10.04 1.34 -3.93
N GLU A 19 9.86 1.96 -5.10
CA GLU A 19 9.47 3.37 -5.14
C GLU A 19 8.03 3.55 -4.68
N ILE A 20 7.14 2.67 -5.10
CA ILE A 20 5.70 2.90 -4.91
C ILE A 20 5.19 2.38 -3.56
N LEU A 21 5.75 1.28 -3.05
CA LEU A 21 5.25 0.65 -1.84
C LEU A 21 6.23 0.76 -0.68
N VAL A 22 7.43 0.19 -0.83
CA VAL A 22 8.33 0.03 0.31
C VAL A 22 8.67 1.38 0.90
N GLY A 23 8.92 2.38 0.05
CA GLY A 23 9.35 3.67 0.54
C GLY A 23 8.36 4.31 1.50
N TYR A 24 7.07 4.27 1.16
CA TYR A 24 6.06 4.87 2.02
C TYR A 24 5.92 4.13 3.34
N ILE A 25 6.06 2.80 3.31
CA ILE A 25 5.95 2.04 4.55
C ILE A 25 7.10 2.39 5.49
N LYS A 26 8.31 2.53 4.95
CA LYS A 26 9.46 2.87 5.77
C LYS A 26 9.41 4.30 6.30
N TYR A 27 8.62 5.18 5.68
CA TYR A 27 8.37 6.50 6.25
C TYR A 27 7.18 6.51 7.20
N TYR A 28 6.11 5.78 6.88
CA TYR A 28 5.04 5.58 7.86
C TYR A 28 5.61 5.00 9.15
N ILE A 29 6.31 3.87 9.03
CA ILE A 29 7.28 3.47 10.02
C ILE A 29 8.35 4.57 10.08
N ASN A 30 8.88 4.83 11.26
CA ASN A 30 9.91 5.85 11.41
C ASN A 30 11.31 5.27 11.22
N ASP A 31 11.44 4.26 10.34
CA ASP A 31 12.74 3.71 9.99
C ASP A 31 13.51 4.63 9.07
N ILE A 32 12.83 5.62 8.51
CA ILE A 32 13.36 6.44 7.44
C ILE A 32 12.65 7.79 7.49
N SER A 33 13.41 8.86 7.31
CA SER A 33 12.88 10.20 7.46
C SER A 33 12.13 10.60 6.19
N GLU A 34 11.57 11.81 6.21
CA GLU A 34 10.74 12.27 5.10
C GLU A 34 11.59 12.60 3.88
N HIS A 35 12.76 13.22 4.08
CA HIS A 35 13.64 13.58 2.98
C HIS A 35 14.65 12.50 2.65
N GLU A 36 14.47 11.30 3.19
CA GLU A 36 15.12 10.11 2.63
C GLU A 36 14.37 9.56 1.43
N LEU A 37 13.32 10.23 0.99
CA LEU A 37 12.42 9.75 -0.06
C LEU A 37 12.79 10.38 -1.39
N SER A 38 12.76 9.57 -2.45
CA SER A 38 12.97 10.08 -3.79
C SER A 38 11.92 11.15 -4.09
N PRO A 39 12.24 12.13 -4.95
CA PRO A 39 11.22 13.13 -5.32
C PRO A 39 9.92 12.49 -5.76
N TYR A 40 9.98 11.37 -6.48
CA TYR A 40 8.78 10.64 -6.86
C TYR A 40 7.99 10.18 -5.65
N GLN A 41 8.65 10.01 -4.50
CA GLN A 41 8.03 9.39 -3.33
C GLN A 41 7.26 10.37 -2.46
N GLN A 42 7.79 11.58 -2.22
CA GLN A 42 7.02 12.55 -1.44
C GLN A 42 5.86 13.11 -2.24
N GLN A 43 5.91 13.04 -3.58
CA GLN A 43 4.77 13.44 -4.38
C GLN A 43 3.61 12.46 -4.20
N ILE A 44 3.89 11.16 -4.34
CA ILE A 44 2.85 10.17 -4.14
C ILE A 44 2.51 9.96 -2.67
N LYS A 45 3.42 10.34 -1.77
CA LYS A 45 3.11 10.34 -0.34
C LYS A 45 1.84 11.14 -0.07
N LYS A 46 1.65 12.25 -0.80
CA LYS A 46 0.50 13.10 -0.57
C LYS A 46 -0.80 12.32 -0.68
N ILE A 47 -0.96 11.56 -1.76
CA ILE A 47 -2.21 10.84 -1.97
C ILE A 47 -2.32 9.65 -1.02
N LEU A 48 -1.20 9.01 -0.70
CA LEU A 48 -1.23 7.94 0.30
C LEU A 48 -1.56 8.51 1.68
N THR A 49 -0.89 9.61 2.04
CA THR A 49 -1.21 10.30 3.29
C THR A 49 -2.69 10.67 3.34
N TYR A 50 -3.20 11.25 2.25
CA TYR A 50 -4.61 11.65 2.21
C TYR A 50 -5.52 10.43 2.28
N TYR A 51 -5.15 9.33 1.62
CA TYR A 51 -5.93 8.10 1.73
C TYR A 51 -5.99 7.63 3.17
N ASP A 52 -4.84 7.65 3.86
CA ASP A 52 -4.79 7.24 5.25
C ASP A 52 -5.77 8.05 6.09
N GLU A 53 -5.76 9.36 5.93
CA GLU A 53 -6.66 10.21 6.71
C GLU A 53 -8.12 9.95 6.34
N CYS A 54 -8.42 9.81 5.06
CA CYS A 54 -9.77 9.41 4.64
C CYS A 54 -10.19 8.12 5.33
N LEU A 55 -9.27 7.16 5.44
CA LEU A 55 -9.59 5.89 6.07
C LEU A 55 -9.80 6.05 7.58
N ASN A 56 -8.96 6.87 8.23
CA ASN A 56 -9.08 7.04 9.67
C ASN A 56 -10.38 7.73 10.05
N LYS A 57 -10.95 8.53 9.14
CA LYS A 57 -12.32 8.99 9.32
C LYS A 57 -13.27 7.80 9.42
N GLN A 58 -13.18 6.88 8.46
CA GLN A 58 -14.11 5.76 8.40
C GLN A 58 -14.04 4.92 9.68
N VAL A 59 -12.96 4.17 9.86
CA VAL A 59 -12.86 3.21 10.97
C VAL A 59 -11.40 3.15 11.43
N THR A 60 -11.20 2.48 12.56
CA THR A 60 -9.88 2.27 13.13
C THR A 60 -9.53 0.79 13.10
N ILE A 61 -8.23 0.49 13.01
CA ILE A 61 -7.73 -0.86 12.86
C ILE A 61 -7.00 -1.26 14.13
N THR A 62 -7.25 -2.49 14.59
CA THR A 62 -6.56 -3.04 15.75
C THR A 62 -6.41 -4.54 15.57
N PHE A 63 -5.18 -5.03 15.68
CA PHE A 63 -4.94 -6.47 15.64
C PHE A 63 -3.74 -6.90 16.50
N LEU A 65 -2.24 -9.63 15.85
CA LEU A 65 -1.18 -10.32 15.12
C LEU A 65 -0.01 -10.65 16.03
N THR A 66 0.35 -11.94 16.09
CA THR A 66 1.42 -12.41 16.94
C THR A 66 2.51 -13.20 16.23
N SER A 67 2.24 -13.71 15.02
CA SER A 67 3.19 -14.58 14.36
C SER A 67 3.30 -14.22 12.89
N VAL A 68 4.40 -14.66 12.29
CA VAL A 68 4.54 -14.59 10.83
C VAL A 68 3.35 -15.24 10.16
N GLN A 69 2.93 -16.40 10.67
CA GLN A 69 1.80 -17.10 10.07
C GLN A 69 0.53 -16.26 10.14
N GLU A 70 0.36 -15.51 11.23
CA GLU A 70 -0.86 -14.71 11.39
C GLU A 70 -0.85 -13.47 10.49
N ILE A 71 0.33 -12.90 10.23
CA ILE A 71 0.41 -11.77 9.33
C ILE A 71 0.07 -12.19 7.90
N LYS A 72 0.55 -13.35 7.47
CA LYS A 72 0.34 -13.77 6.09
C LYS A 72 -1.13 -14.02 5.80
N THR A 73 -1.82 -14.73 6.69
CA THR A 73 -3.22 -15.05 6.44
C THR A 73 -4.10 -13.81 6.57
N GLN A 74 -3.87 -12.99 7.59
CA GLN A 74 -4.69 -11.80 7.76
C GLN A 74 -4.45 -10.80 6.64
N PHE A 75 -3.19 -10.57 6.27
CA PHE A 75 -2.90 -9.64 5.19
C PHE A 75 -3.45 -10.17 3.86
N THR A 76 -3.11 -11.41 3.52
CA THR A 76 -3.58 -12.01 2.28
C THR A 76 -5.10 -11.96 2.17
N GLY A 77 -5.79 -12.30 3.26
CA GLY A 77 -7.25 -12.33 3.22
C GLY A 77 -7.85 -11.01 2.80
N VAL A 78 -7.35 -9.91 3.39
CA VAL A 78 -7.90 -8.60 3.09
C VAL A 78 -7.59 -8.20 1.65
N VAL A 79 -6.31 -8.25 1.27
CA VAL A 79 -5.89 -7.71 -0.02
C VAL A 79 -6.46 -8.53 -1.17
N THR A 80 -6.51 -9.86 -1.02
CA THR A 80 -7.08 -10.67 -2.08
C THR A 80 -8.56 -10.35 -2.25
N GLU A 81 -9.25 -10.00 -1.17
CA GLU A 81 -10.61 -9.51 -1.24
C GLU A 81 -10.68 -8.09 -1.76
N LEU A 82 -9.58 -7.33 -1.67
CA LEU A 82 -9.54 -5.96 -2.17
C LEU A 82 -9.47 -5.92 -3.70
N PHE A 83 -8.95 -6.97 -4.33
CA PHE A 83 -8.74 -6.99 -5.77
C PHE A 83 -9.45 -8.15 -6.46
N LYS A 84 -10.15 -9.01 -5.73
CA LYS A 84 -10.99 -10.01 -6.38
C LYS A 84 -11.95 -9.34 -7.36
N ASP A 85 -12.50 -8.20 -6.98
CA ASP A 85 -13.51 -7.52 -7.77
C ASP A 85 -12.88 -6.87 -9.00
N LEU A 86 -11.93 -5.96 -8.78
CA LEU A 86 -11.19 -5.33 -9.88
C LEU A 86 -10.00 -4.60 -9.29
N ILE A 87 -9.07 -4.23 -10.16
CA ILE A 87 -7.85 -3.52 -9.78
C ILE A 87 -7.91 -2.11 -10.34
N ASN A 88 -7.61 -1.12 -9.51
CA ASN A 88 -7.45 0.25 -9.97
C ASN A 88 -6.47 0.96 -9.04
N TRP A 89 -5.92 2.07 -9.53
CA TRP A 89 -4.88 2.78 -8.79
C TRP A 89 -5.37 3.24 -7.43
N GLY A 90 -6.66 3.54 -7.30
CA GLY A 90 -7.18 4.00 -6.02
C GLY A 90 -7.08 2.94 -4.94
N ARG A 91 -7.32 1.68 -5.30
CA ARG A 91 -7.21 0.60 -4.32
C ARG A 91 -5.78 0.08 -4.18
N ILE A 92 -4.89 0.43 -5.10
CA ILE A 92 -3.46 0.25 -4.86
C ILE A 92 -3.02 1.14 -3.70
N CYS A 93 -3.52 2.37 -3.66
CA CYS A 93 -3.26 3.24 -2.51
C CYS A 93 -3.67 2.55 -1.23
N GLY A 94 -4.92 2.05 -1.18
CA GLY A 94 -5.37 1.34 0.00
C GLY A 94 -4.49 0.15 0.33
N PHE A 95 -4.07 -0.59 -0.70
CA PHE A 95 -3.12 -1.68 -0.49
C PHE A 95 -1.86 -1.17 0.19
N ILE A 96 -1.23 -0.15 -0.39
CA ILE A 96 -0.04 0.45 0.22
C ILE A 96 -0.36 0.88 1.64
N VAL A 97 -1.42 1.69 1.81
CA VAL A 97 -1.78 2.19 3.13
C VAL A 97 -2.01 1.04 4.10
N PHE A 98 -2.81 0.05 3.69
CA PHE A 98 -3.05 -1.09 4.56
C PHE A 98 -1.75 -1.80 4.91
N SER A 99 -0.82 -1.89 3.95
CA SER A 99 0.46 -2.50 4.24
C SER A 99 1.24 -1.68 5.26
N ALA A 100 1.10 -0.35 5.20
CA ALA A 100 1.82 0.51 6.13
C ALA A 100 1.22 0.46 7.53
N LYS A 101 -0.10 0.28 7.64
CA LYS A 101 -0.73 0.27 8.95
C LYS A 101 -0.42 -1.01 9.71
N MET A 102 -0.30 -2.14 9.00
CA MET A 102 0.07 -3.38 9.67
C MET A 102 1.55 -3.40 10.03
N ALA A 103 2.39 -2.76 9.23
CA ALA A 103 3.81 -2.62 9.59
C ALA A 103 3.97 -1.70 10.80
N LYS A 104 3.22 -0.60 10.84
CA LYS A 104 3.30 0.31 11.98
C LYS A 104 2.91 -0.41 13.26
N TYR A 105 1.89 -1.26 13.19
CA TYR A 105 1.52 -2.07 14.35
C TYR A 105 2.69 -2.93 14.82
N CYS A 106 3.47 -3.49 13.88
CA CYS A 106 4.53 -4.41 14.26
C CYS A 106 5.70 -3.67 14.92
N LYS A 107 6.22 -2.64 14.26
CA LYS A 107 7.29 -1.85 14.88
C LYS A 107 6.85 -1.25 16.21
N ASP A 108 5.56 -0.94 16.36
CA ASP A 108 5.05 -0.47 17.64
C ASP A 108 5.22 -1.54 18.72
N ALA A 109 4.61 -2.71 18.51
CA ALA A 109 4.69 -3.80 19.47
C ALA A 109 6.11 -4.33 19.59
N ASN A 110 7.01 -3.86 18.74
CA ASN A 110 8.41 -4.28 18.76
C ASN A 110 8.51 -5.80 18.66
N ASN A 111 7.61 -6.40 17.89
CA ASN A 111 7.62 -7.83 17.63
C ASN A 111 8.65 -8.24 16.59
N HIS A 112 9.25 -7.28 15.88
CA HIS A 112 10.20 -7.56 14.80
C HIS A 112 9.54 -8.30 13.64
N LEU A 113 8.24 -8.06 13.43
CA LEU A 113 7.52 -8.65 12.31
C LEU A 113 7.25 -7.69 11.17
N GLU A 114 7.58 -6.40 11.32
CA GLU A 114 7.34 -5.46 10.24
C GLU A 114 8.05 -5.92 8.96
N SER A 115 9.23 -6.52 9.10
CA SER A 115 9.93 -7.08 7.96
C SER A 115 9.05 -8.10 7.22
N THR A 116 8.30 -8.91 7.97
CA THR A 116 7.41 -9.88 7.35
C THR A 116 6.29 -9.18 6.58
N VAL A 117 5.79 -8.06 7.12
CA VAL A 117 4.74 -7.32 6.43
C VAL A 117 5.26 -6.82 5.08
N ILE A 118 6.39 -6.13 5.10
CA ILE A 118 6.95 -5.57 3.87
C ILE A 118 7.11 -6.65 2.82
N THR A 119 7.71 -7.78 3.22
CA THR A 119 7.96 -8.86 2.27
C THR A 119 6.67 -9.50 1.79
N THR A 120 5.64 -9.55 2.64
CA THR A 120 4.36 -10.10 2.21
C THR A 120 3.69 -9.17 1.20
N ALA A 121 3.72 -7.86 1.45
CA ALA A 121 3.14 -6.89 0.53
C ALA A 121 3.92 -6.86 -0.78
N TYR A 122 5.25 -6.85 -0.69
CA TYR A 122 6.09 -6.90 -1.88
C TYR A 122 5.71 -8.08 -2.76
N ASN A 123 5.73 -9.29 -2.18
CA ASN A 123 5.41 -10.49 -2.94
C ASN A 123 4.04 -10.38 -3.60
N PHE A 124 3.04 -9.87 -2.88
CA PHE A 124 1.70 -9.78 -3.45
C PHE A 124 1.65 -8.78 -4.59
N MET A 125 2.22 -7.59 -4.38
CA MET A 125 2.21 -6.58 -5.43
C MET A 125 2.96 -7.06 -6.66
N LYS A 126 3.96 -7.92 -6.49
CA LYS A 126 4.73 -8.40 -7.62
C LYS A 126 3.94 -9.44 -8.41
N HIS A 127 3.29 -10.37 -7.72
CA HIS A 127 2.59 -11.46 -8.41
C HIS A 127 1.23 -11.02 -8.92
N ASN A 128 0.50 -10.22 -8.14
CA ASN A 128 -0.90 -9.97 -8.41
C ASN A 128 -1.22 -8.60 -8.97
N LEU A 129 -0.37 -7.61 -8.76
CA LEU A 129 -0.66 -6.25 -9.17
C LEU A 129 0.24 -5.74 -10.28
N LEU A 130 1.52 -6.11 -10.29
CA LEU A 130 2.46 -5.50 -11.22
C LEU A 130 2.06 -5.67 -12.68
N PRO A 131 1.60 -6.85 -13.14
CA PRO A 131 1.16 -6.92 -14.54
C PRO A 131 0.06 -5.94 -14.87
N TRP A 132 -0.86 -5.70 -13.94
CA TRP A 132 -1.92 -4.72 -14.17
C TRP A 132 -1.36 -3.30 -14.22
N MET A 133 -0.45 -2.98 -13.29
CA MET A 133 0.04 -1.61 -13.19
C MET A 133 0.96 -1.27 -14.35
N ILE A 134 1.82 -2.20 -14.76
CA ILE A 134 2.66 -1.99 -15.93
C ILE A 134 1.81 -1.66 -17.14
N SER A 135 0.80 -2.49 -17.42
CA SER A 135 -0.04 -2.30 -18.59
C SER A 135 -0.87 -1.03 -18.52
N HIS A 136 -1.03 -0.44 -17.34
CA HIS A 136 -1.88 0.73 -17.16
C HIS A 136 -1.07 1.94 -16.71
N GLY A 137 0.13 2.10 -17.28
CA GLY A 137 0.93 3.28 -17.08
C GLY A 137 1.97 3.17 -15.99
N GLY A 138 1.81 2.24 -15.06
CA GLY A 138 2.85 1.96 -14.07
C GLY A 138 3.27 3.18 -13.28
N GLN A 139 4.57 3.27 -13.02
CA GLN A 139 5.12 4.30 -12.14
C GLN A 139 4.67 5.69 -12.58
N GLU A 140 4.68 5.96 -13.88
CA GLU A 140 4.33 7.29 -14.36
C GLU A 140 2.87 7.60 -14.10
N GLU A 141 1.99 6.61 -14.32
CA GLU A 141 0.56 6.83 -14.10
C GLU A 141 0.28 7.12 -12.64
N PHE A 142 0.81 6.30 -11.73
CA PHE A 142 0.60 6.58 -10.30
C PHE A 142 1.08 7.98 -9.95
N LEU A 143 2.12 8.47 -10.62
CA LEU A 143 2.55 9.85 -10.45
C LEU A 143 1.52 10.83 -10.98
N ALA A 144 0.90 10.51 -12.12
CA ALA A 144 -0.19 11.35 -12.60
C ALA A 144 -1.41 11.20 -11.71
N PHE A 145 -1.64 9.99 -11.20
CA PHE A 145 -2.72 9.75 -10.25
C PHE A 145 -2.54 10.51 -8.94
N SER A 146 -1.29 10.85 -8.56
CA SER A 146 -1.06 11.49 -7.28
C SER A 146 -1.62 12.91 -7.25
N LEU A 147 -1.66 13.58 -8.39
CA LEU A 147 -2.01 15.00 -8.40
C LEU A 147 -3.46 15.20 -7.99
N HIS A 148 -4.39 14.65 -8.78
CA HIS A 148 -5.81 14.72 -8.50
C HIS A 148 -6.20 16.15 -8.12
N SER A 149 -7.22 16.34 -7.29
CA SER A 149 -7.70 17.67 -6.92
C SER A 149 -7.01 18.11 -5.62
N ASP A 150 -6.34 19.27 -5.67
CA ASP A 150 -5.57 19.75 -4.53
C ASP A 150 -6.40 20.59 -3.57
N MET A 151 -7.72 20.59 -3.72
CA MET A 151 -8.65 21.20 -2.76
C MET A 151 -8.05 22.33 -1.94
N SER B 6 -13.68 -7.78 11.81
CA SER B 6 -13.82 -8.65 10.66
C SER B 6 -12.71 -8.35 9.67
N THR B 7 -12.88 -8.86 8.46
CA THR B 7 -11.96 -8.51 7.37
C THR B 7 -12.68 -8.21 6.07
N LYS B 8 -13.80 -8.86 5.78
CA LYS B 8 -14.51 -8.61 4.53
C LYS B 8 -15.02 -7.17 4.46
N LYS B 9 -15.36 -6.57 5.61
CA LYS B 9 -15.87 -5.22 5.57
C LYS B 9 -14.75 -4.20 5.37
N LEU B 10 -13.55 -4.48 5.88
CA LEU B 10 -12.43 -3.56 5.66
C LEU B 10 -12.14 -3.39 4.17
N SER B 11 -12.15 -4.50 3.43
CA SER B 11 -11.89 -4.43 2.00
C SER B 11 -12.85 -3.46 1.31
N GLU B 12 -14.16 -3.72 1.46
CA GLU B 12 -15.15 -2.84 0.86
C GLU B 12 -14.95 -1.39 1.29
N CYS B 13 -14.39 -1.17 2.48
CA CYS B 13 -13.96 0.17 2.85
C CYS B 13 -12.76 0.60 2.03
N LEU B 14 -11.71 -0.23 2.00
CA LEU B 14 -10.56 0.06 1.14
C LEU B 14 -10.99 0.21 -0.31
N LYS B 15 -11.91 -0.66 -0.77
CA LYS B 15 -12.43 -0.60 -2.12
C LYS B 15 -13.03 0.76 -2.42
N ARG B 16 -14.13 1.09 -1.74
CA ARG B 16 -14.92 2.26 -2.12
C ARG B 16 -14.16 3.57 -1.87
N ILE B 17 -13.24 3.60 -0.91
CA ILE B 17 -12.34 4.74 -0.81
C ILE B 17 -11.46 4.82 -2.04
N GLY B 18 -10.79 3.72 -2.38
CA GLY B 18 -10.03 3.67 -3.61
C GLY B 18 -10.87 4.01 -4.83
N ASP B 19 -12.13 3.56 -4.84
CA ASP B 19 -13.02 3.90 -5.94
C ASP B 19 -13.30 5.40 -5.98
N GLU B 20 -13.47 6.02 -4.82
CA GLU B 20 -13.75 7.46 -4.78
C GLU B 20 -12.55 8.25 -5.27
N LEU B 21 -11.34 7.85 -4.90
CA LEU B 21 -10.15 8.55 -5.37
C LEU B 21 -9.90 8.31 -6.85
N ASP B 22 -10.28 7.15 -7.37
CA ASP B 22 -10.09 6.86 -8.78
C ASP B 22 -11.06 7.61 -9.68
N SER B 23 -11.92 8.46 -9.11
CA SER B 23 -12.91 9.17 -9.90
C SER B 23 -12.29 10.29 -10.71
N ASN B 24 -12.79 10.47 -11.93
CA ASN B 24 -12.40 11.59 -12.77
C ASN B 24 -10.89 11.71 -12.90
#